data_4YV2
#
_entry.id   4YV2
#
_cell.length_a   43.658
_cell.length_b   100.315
_cell.length_c   71.365
_cell.angle_alpha   90.00
_cell.angle_beta   107.70
_cell.angle_gamma   90.00
#
_symmetry.space_group_name_H-M   'P 1 21 1'
#
loop_
_entity.id
_entity.type
_entity.pdbx_description
1 polymer 'Spermidine synthase, putative'
2 non-polymer "5'-[(S)-(3-AMINOPROPYL)(METHYL)-LAMBDA~4~-SULFANYL]-5'-DEOXYADENOSINE"
3 non-polymer N-phenyl-3-sulfanylpropanamide
4 water water
#
_entity_poly.entity_id   1
_entity_poly.type   'polypeptide(L)'
_entity_poly.pdbx_seq_one_letter_code
;MAHHHHHHMPGSELISGGWFREENDQWPGQAMSLRVEKVLYDAPTKFQHLTIFESDPKGPWGTVMALDGCIQVTDYDEFV
YHEVLGHTSLCSHPKPERVLIIGGGDGGVLREVLRHGTVEHCDLVDIDGEVMEQSKQHFPQISRSLADPRATVRVGDGLA
FVRQTPDNTYDVVIIDTTDPAGPASKLFGEAFYKDVLRILKPDGICCNQGESIWLDLELIEKMSRFIRETGFASVQYALM
HVPTYPCGSIGTLVCSKKAGVDVTKPLRPVEDMPFAKDLKYYDSEMHKASFALPRFARHINNSE
;
_entity_poly.pdbx_strand_id   A,B
#
# COMPACT_ATOMS: atom_id res chain seq x y z
N GLU A 13 -16.74 -5.61 -27.78
CA GLU A 13 -15.68 -5.16 -28.71
C GLU A 13 -14.24 -5.56 -28.29
N LEU A 14 -14.01 -5.79 -27.00
CA LEU A 14 -12.80 -6.51 -26.53
C LEU A 14 -12.86 -7.96 -27.02
N ILE A 15 -11.73 -8.55 -27.43
CA ILE A 15 -11.78 -10.00 -27.70
C ILE A 15 -10.69 -10.89 -27.03
N SER A 16 -11.07 -12.10 -26.68
CA SER A 16 -10.17 -13.03 -26.02
C SER A 16 -8.81 -13.21 -26.68
N GLY A 17 -7.76 -12.99 -25.92
CA GLY A 17 -6.39 -13.12 -26.43
C GLY A 17 -5.78 -11.77 -26.72
N GLY A 18 -6.62 -10.75 -26.81
CA GLY A 18 -6.11 -9.37 -26.81
C GLY A 18 -5.88 -8.88 -25.38
N TRP A 19 -5.44 -7.63 -25.27
CA TRP A 19 -5.14 -7.00 -23.98
C TRP A 19 -6.07 -5.84 -23.70
N PHE A 20 -6.49 -5.77 -22.46
CA PHE A 20 -7.18 -4.62 -21.96
C PHE A 20 -6.14 -3.62 -21.46
N ARG A 21 -6.19 -2.40 -21.99
CA ARG A 21 -5.27 -1.33 -21.67
C ARG A 21 -6.06 -0.24 -20.96
N GLU A 22 -5.56 0.23 -19.82
CA GLU A 22 -6.11 1.44 -19.20
C GLU A 22 -5.09 2.57 -19.08
N GLU A 23 -5.56 3.77 -19.39
CA GLU A 23 -4.80 4.99 -19.37
C GLU A 23 -5.63 6.03 -18.62
N ASN A 24 -5.04 7.17 -18.32
CA ASN A 24 -5.85 8.27 -17.83
C ASN A 24 -5.45 9.58 -18.46
N ASP A 25 -6.47 10.27 -18.98
CA ASP A 25 -6.41 11.65 -19.46
C ASP A 25 -5.68 12.53 -18.43
N GLN A 26 -6.00 12.27 -17.17
CA GLN A 26 -5.68 13.13 -16.02
C GLN A 26 -4.26 12.91 -15.44
N TRP A 27 -3.67 11.75 -15.73
CA TRP A 27 -2.26 11.48 -15.48
C TRP A 27 -1.67 10.89 -16.74
N PRO A 28 -1.42 11.75 -17.73
CA PRO A 28 -0.88 11.22 -18.99
C PRO A 28 0.46 10.51 -18.75
N GLY A 29 0.76 9.54 -19.60
CA GLY A 29 2.13 9.02 -19.68
C GLY A 29 2.39 7.80 -18.85
N GLN A 30 1.31 7.25 -18.31
CA GLN A 30 1.39 5.94 -17.72
C GLN A 30 0.34 5.09 -18.39
N ALA A 31 0.58 3.79 -18.49
CA ALA A 31 -0.50 2.89 -18.90
C ALA A 31 -0.36 1.61 -18.11
N MET A 32 -1.48 0.94 -17.97
CA MET A 32 -1.53 -0.34 -17.32
C MET A 32 -2.32 -1.29 -18.26
N SER A 33 -1.95 -2.56 -18.36
CA SER A 33 -2.73 -3.49 -19.18
C SER A 33 -2.79 -4.93 -18.72
N LEU A 34 -3.90 -5.58 -19.01
CA LEU A 34 -4.10 -6.99 -18.65
C LEU A 34 -4.43 -7.84 -19.87
N ARG A 35 -3.79 -9.00 -20.03
CA ARG A 35 -4.16 -9.93 -21.12
C ARG A 35 -5.55 -10.49 -20.86
N VAL A 36 -6.40 -10.56 -21.90
CA VAL A 36 -7.77 -11.06 -21.74
C VAL A 36 -7.73 -12.53 -22.18
N GLU A 37 -8.24 -13.42 -21.34
CA GLU A 37 -8.27 -14.84 -21.70
C GLU A 37 -9.61 -15.23 -22.29
N LYS A 38 -10.66 -14.50 -21.89
CA LYS A 38 -12.05 -14.77 -22.28
C LYS A 38 -12.95 -13.61 -21.81
N VAL A 39 -13.78 -13.13 -22.74
CA VAL A 39 -14.69 -12.05 -22.46
C VAL A 39 -15.98 -12.62 -21.96
N LEU A 40 -16.46 -12.13 -20.82
CA LEU A 40 -17.65 -12.69 -20.22
C LEU A 40 -18.74 -11.65 -20.37
N TYR A 41 -18.34 -10.38 -20.57
CA TYR A 41 -19.29 -9.31 -20.83
C TYR A 41 -18.55 -8.09 -21.33
N ASP A 42 -19.12 -7.37 -22.30
CA ASP A 42 -18.59 -6.12 -22.83
C ASP A 42 -19.66 -5.33 -23.59
N ALA A 43 -20.43 -4.49 -22.89
CA ALA A 43 -21.48 -3.67 -23.47
C ALA A 43 -21.80 -2.42 -22.63
N PRO A 44 -22.33 -1.35 -23.28
CA PRO A 44 -22.90 -0.22 -22.53
C PRO A 44 -24.16 -0.62 -21.78
N THR A 45 -24.30 -0.14 -20.54
CA THR A 45 -25.52 -0.24 -19.80
C THR A 45 -26.15 1.14 -19.91
N LYS A 46 -27.34 1.32 -19.35
CA LYS A 46 -27.95 2.64 -19.46
C LYS A 46 -27.25 3.67 -18.57
N PHE A 47 -26.12 3.28 -17.97
CA PHE A 47 -25.36 4.17 -17.08
C PHE A 47 -23.86 4.25 -17.33
N GLN A 48 -23.25 3.14 -17.73
CA GLN A 48 -21.82 3.12 -17.94
C GLN A 48 -21.46 1.94 -18.87
N HIS A 49 -20.23 1.93 -19.39
CA HIS A 49 -19.64 0.73 -20.01
C HIS A 49 -19.19 -0.29 -18.97
N LEU A 50 -19.62 -1.53 -19.13
CA LEU A 50 -19.32 -2.56 -18.17
C LEU A 50 -18.50 -3.68 -18.87
N THR A 51 -17.31 -3.97 -18.35
CA THR A 51 -16.44 -4.98 -18.93
C THR A 51 -16.11 -6.05 -17.89
N ILE A 52 -16.39 -7.29 -18.24
CA ILE A 52 -15.92 -8.39 -17.45
C ILE A 52 -15.17 -9.41 -18.26
N PHE A 53 -14.02 -9.84 -17.74
CA PHE A 53 -13.26 -10.89 -18.40
C PHE A 53 -12.44 -11.72 -17.44
N GLU A 54 -12.21 -12.97 -17.82
CA GLU A 54 -11.21 -13.75 -17.16
C GLU A 54 -9.86 -13.24 -17.64
N SER A 55 -8.92 -13.08 -16.73
CA SER A 55 -7.55 -12.69 -17.06
C SER A 55 -6.69 -13.93 -17.26
N ASP A 56 -5.39 -13.71 -17.42
CA ASP A 56 -4.48 -14.81 -17.78
C ASP A 56 -4.49 -15.90 -16.71
N PRO A 57 -4.81 -17.16 -17.09
CA PRO A 57 -5.03 -18.15 -16.02
C PRO A 57 -3.77 -18.57 -15.32
N LYS A 58 -2.63 -18.18 -15.88
CA LYS A 58 -1.36 -18.41 -15.24
C LYS A 58 -0.96 -17.25 -14.34
N GLY A 59 -1.87 -16.29 -14.15
CA GLY A 59 -1.64 -15.12 -13.31
C GLY A 59 -2.61 -15.18 -12.14
N PRO A 60 -2.51 -14.23 -11.21
CA PRO A 60 -3.37 -14.42 -10.03
C PRO A 60 -4.77 -13.75 -10.09
N TRP A 61 -4.98 -12.91 -11.08
CA TRP A 61 -6.06 -11.94 -11.03
C TRP A 61 -7.49 -12.50 -11.19
N GLY A 62 -7.65 -13.72 -11.71
CA GLY A 62 -8.95 -14.30 -12.00
C GLY A 62 -9.87 -13.36 -12.76
N THR A 63 -11.16 -13.41 -12.48
CA THR A 63 -12.09 -12.53 -13.14
C THR A 63 -11.95 -11.06 -12.73
N VAL A 64 -12.27 -10.16 -13.67
CA VAL A 64 -11.96 -8.74 -13.55
C VAL A 64 -13.18 -7.94 -14.03
N MET A 65 -13.59 -6.93 -13.26
CA MET A 65 -14.65 -6.03 -13.70
C MET A 65 -14.14 -4.63 -13.92
N ALA A 66 -14.48 -4.06 -15.07
CA ALA A 66 -14.16 -2.67 -15.36
C ALA A 66 -15.41 -1.83 -15.60
N LEU A 67 -15.42 -0.60 -15.13
CA LEU A 67 -16.53 0.29 -15.41
C LEU A 67 -15.96 1.53 -16.05
N ASP A 68 -16.46 1.87 -17.23
CA ASP A 68 -15.91 3.00 -17.97
C ASP A 68 -14.40 2.91 -18.09
N GLY A 69 -13.90 1.68 -18.24
CA GLY A 69 -12.48 1.45 -18.47
C GLY A 69 -11.59 1.51 -17.25
N CYS A 70 -12.16 1.71 -16.06
CA CYS A 70 -11.41 1.62 -14.80
C CYS A 70 -11.77 0.30 -14.12
N ILE A 71 -10.77 -0.53 -13.86
CA ILE A 71 -10.95 -1.79 -13.14
C ILE A 71 -11.51 -1.51 -11.78
N GLN A 72 -12.40 -2.34 -11.31
CA GLN A 72 -13.08 -2.01 -10.11
C GLN A 72 -13.06 -3.17 -9.16
N VAL A 73 -13.08 -4.39 -9.71
CA VAL A 73 -13.07 -5.59 -8.87
C VAL A 73 -12.26 -6.68 -9.58
N THR A 74 -11.38 -7.35 -8.84
CA THR A 74 -10.80 -8.56 -9.36
C THR A 74 -10.98 -9.59 -8.28
N ASP A 75 -10.91 -10.86 -8.65
CA ASP A 75 -11.15 -11.94 -7.68
C ASP A 75 -10.09 -11.86 -6.63
N TYR A 76 -8.95 -11.39 -7.10
CA TYR A 76 -7.68 -11.33 -6.44
C TYR A 76 -7.61 -10.48 -5.16
N ASP A 77 -7.97 -9.21 -5.23
CA ASP A 77 -7.77 -8.34 -4.04
C ASP A 77 -9.10 -7.78 -3.54
N GLU A 78 -10.17 -8.17 -4.23
CA GLU A 78 -11.56 -8.00 -3.87
C GLU A 78 -11.78 -7.78 -2.34
N PHE A 79 -11.26 -8.69 -1.55
CA PHE A 79 -11.53 -8.76 -0.11
C PHE A 79 -11.02 -7.57 0.70
N VAL A 80 -9.96 -6.92 0.23
CA VAL A 80 -9.32 -5.81 0.94
C VAL A 80 -10.29 -4.70 1.19
N TYR A 81 -10.64 -4.07 0.07
CA TYR A 81 -11.55 -2.93 0.04
C TYR A 81 -12.94 -3.25 0.67
N HIS A 82 -13.46 -4.47 0.47
CA HIS A 82 -14.78 -4.84 0.96
C HIS A 82 -14.79 -5.07 2.45
N GLU A 83 -13.73 -5.65 2.93
CA GLU A 83 -13.58 -5.90 4.34
C GLU A 83 -13.25 -4.60 5.11
N VAL A 84 -12.39 -3.78 4.53
CA VAL A 84 -12.07 -2.52 5.17
C VAL A 84 -13.28 -1.63 5.34
N LEU A 85 -14.14 -1.57 4.32
CA LEU A 85 -15.32 -0.71 4.35
C LEU A 85 -16.41 -1.25 5.25
N GLY A 86 -16.60 -2.57 5.21
CA GLY A 86 -17.64 -3.23 6.02
C GLY A 86 -17.27 -3.17 7.50
N HIS A 87 -16.04 -3.49 7.84
CA HIS A 87 -15.61 -3.67 9.20
C HIS A 87 -15.09 -2.45 9.91
N THR A 88 -14.38 -1.56 9.24
CA THR A 88 -13.91 -0.36 9.93
C THR A 88 -15.09 0.47 10.45
N SER A 89 -16.15 0.53 9.65
CA SER A 89 -17.35 1.27 9.97
C SER A 89 -18.18 0.54 11.03
N LEU A 90 -18.52 -0.73 10.79
CA LEU A 90 -19.35 -1.48 11.72
C LEU A 90 -18.73 -1.70 13.10
N CYS A 91 -17.42 -1.94 13.16
CA CYS A 91 -16.67 -2.10 14.38
C CYS A 91 -16.39 -0.75 15.07
N SER A 92 -16.73 0.32 14.39
CA SER A 92 -16.67 1.64 15.04
C SER A 92 -17.99 2.09 15.66
N HIS A 93 -19.06 1.30 15.45
CA HIS A 93 -20.40 1.62 15.92
C HIS A 93 -20.85 0.69 17.07
N PRO A 94 -21.57 1.25 18.08
CA PRO A 94 -21.93 0.45 19.27
C PRO A 94 -22.93 -0.65 18.98
N LYS A 95 -23.81 -0.46 17.99
CA LYS A 95 -24.85 -1.44 17.75
C LYS A 95 -25.46 -1.26 16.38
N PRO A 96 -24.74 -1.63 15.31
CA PRO A 96 -25.22 -1.38 13.94
C PRO A 96 -26.34 -2.33 13.43
N GLU A 97 -27.61 -1.96 13.59
CA GLU A 97 -28.74 -2.84 13.26
C GLU A 97 -29.28 -2.61 11.89
N ARG A 98 -29.32 -1.34 11.47
CA ARG A 98 -29.85 -1.01 10.18
C ARG A 98 -28.74 -0.32 9.37
N VAL A 99 -28.40 -0.86 8.19
CA VAL A 99 -27.28 -0.35 7.37
C VAL A 99 -27.77 -0.08 5.94
N LEU A 100 -27.27 1.00 5.34
CA LEU A 100 -27.46 1.34 3.94
C LEU A 100 -26.09 1.30 3.22
N ILE A 101 -26.05 0.75 2.02
CA ILE A 101 -24.90 0.75 1.17
C ILE A 101 -25.41 1.39 -0.08
N ILE A 102 -24.73 2.47 -0.46
CA ILE A 102 -24.99 3.13 -1.74
C ILE A 102 -23.89 2.69 -2.72
N GLY A 103 -24.23 2.29 -3.95
CA GLY A 103 -23.26 1.63 -4.85
C GLY A 103 -23.14 0.18 -4.37
N GLY A 104 -21.97 -0.45 -4.49
CA GLY A 104 -21.80 -1.80 -3.96
C GLY A 104 -22.64 -2.87 -4.67
N GLY A 105 -23.00 -2.57 -5.92
CA GLY A 105 -23.77 -3.47 -6.75
C GLY A 105 -23.23 -4.90 -6.86
N ASP A 106 -21.91 -5.06 -6.69
CA ASP A 106 -21.28 -6.38 -6.85
C ASP A 106 -21.57 -7.29 -5.67
N GLY A 107 -22.00 -6.70 -4.55
CA GLY A 107 -22.34 -7.48 -3.36
C GLY A 107 -21.28 -7.59 -2.28
N GLY A 108 -20.07 -7.20 -2.63
CA GLY A 108 -18.90 -7.36 -1.71
C GLY A 108 -18.98 -6.68 -0.32
N VAL A 109 -19.26 -5.39 -0.27
CA VAL A 109 -19.45 -4.77 1.07
C VAL A 109 -20.55 -5.46 1.89
N LEU A 110 -21.64 -5.78 1.20
CA LEU A 110 -22.81 -6.36 1.82
C LEU A 110 -22.52 -7.74 2.43
N ARG A 111 -21.74 -8.59 1.72
CA ARG A 111 -21.23 -9.85 2.30
C ARG A 111 -20.47 -9.54 3.58
N GLU A 112 -19.65 -8.49 3.58
CA GLU A 112 -18.93 -8.15 4.87
C GLU A 112 -19.88 -7.64 5.96
N VAL A 113 -20.81 -6.73 5.63
CA VAL A 113 -21.70 -6.22 6.66
C VAL A 113 -22.54 -7.37 7.28
N LEU A 114 -23.03 -8.28 6.42
CA LEU A 114 -23.91 -9.42 6.86
C LEU A 114 -23.22 -10.43 7.76
N ARG A 115 -21.87 -10.46 7.73
CA ARG A 115 -21.13 -11.26 8.71
C ARG A 115 -21.50 -10.88 10.12
N HIS A 116 -21.93 -9.66 10.33
CA HIS A 116 -22.05 -9.15 11.70
C HIS A 116 -23.43 -9.51 12.22
N GLY A 117 -23.47 -10.24 13.35
CA GLY A 117 -24.72 -10.74 13.95
C GLY A 117 -25.70 -9.65 14.37
N THR A 118 -25.20 -8.49 14.79
CA THR A 118 -26.07 -7.37 15.19
C THR A 118 -26.81 -6.72 14.03
N VAL A 119 -26.35 -6.94 12.79
CA VAL A 119 -27.00 -6.31 11.66
C VAL A 119 -28.33 -6.98 11.49
N GLU A 120 -29.39 -6.18 11.58
CA GLU A 120 -30.76 -6.68 11.48
C GLU A 120 -31.35 -6.49 10.12
N HIS A 121 -31.09 -5.36 9.48
CA HIS A 121 -31.43 -5.23 8.07
C HIS A 121 -30.43 -4.36 7.30
N CYS A 122 -30.22 -4.64 6.03
CA CYS A 122 -29.30 -3.79 5.28
C CYS A 122 -29.97 -3.51 3.97
N ASP A 123 -30.09 -2.24 3.61
CA ASP A 123 -30.58 -1.86 2.27
C ASP A 123 -29.37 -1.53 1.42
N LEU A 124 -29.42 -1.89 0.14
CA LEU A 124 -28.37 -1.45 -0.75
C LEU A 124 -29.05 -0.88 -1.96
N VAL A 125 -28.61 0.29 -2.42
CA VAL A 125 -29.08 0.86 -3.66
C VAL A 125 -27.92 1.08 -4.66
N ASP A 126 -28.02 0.52 -5.84
CA ASP A 126 -27.03 0.73 -6.88
C ASP A 126 -27.78 1.08 -8.16
N ILE A 127 -27.29 2.10 -8.87
CA ILE A 127 -28.00 2.71 -9.95
C ILE A 127 -28.06 1.81 -11.14
N ASP A 128 -27.14 0.83 -11.18
CA ASP A 128 -27.00 -0.02 -12.35
C ASP A 128 -27.31 -1.47 -12.01
N GLY A 129 -28.44 -1.93 -12.52
CA GLY A 129 -28.95 -3.27 -12.22
C GLY A 129 -28.18 -4.31 -12.98
N GLU A 130 -27.49 -3.88 -14.02
CA GLU A 130 -26.67 -4.77 -14.82
C GLU A 130 -25.42 -5.23 -14.03
N VAL A 131 -24.79 -4.27 -13.35
CA VAL A 131 -23.67 -4.55 -12.45
C VAL A 131 -24.04 -5.67 -11.50
N MET A 132 -25.25 -5.61 -10.94
CA MET A 132 -25.74 -6.64 -10.01
C MET A 132 -26.02 -7.99 -10.67
N GLU A 133 -26.57 -7.95 -11.89
CA GLU A 133 -26.80 -9.15 -12.72
C GLU A 133 -25.53 -9.86 -13.06
N GLN A 134 -24.59 -9.10 -13.59
CA GLN A 134 -23.31 -9.65 -14.01
C GLN A 134 -22.45 -10.10 -12.84
N SER A 135 -22.68 -9.52 -11.67
CA SER A 135 -21.98 -9.99 -10.50
C SER A 135 -22.51 -11.36 -10.09
N LYS A 136 -23.84 -11.51 -10.15
CA LYS A 136 -24.51 -12.82 -9.89
C LYS A 136 -23.89 -13.94 -10.73
N GLN A 137 -23.72 -13.68 -12.02
CA GLN A 137 -23.14 -14.66 -12.95
C GLN A 137 -21.63 -14.80 -12.81
N HIS A 138 -20.93 -13.69 -12.80
CA HIS A 138 -19.53 -13.81 -12.93
C HIS A 138 -18.67 -13.73 -11.67
N PHE A 139 -19.18 -13.17 -10.57
CA PHE A 139 -18.50 -13.15 -9.26
C PHE A 139 -19.32 -13.80 -8.13
N PRO A 140 -19.52 -15.12 -8.18
CA PRO A 140 -20.33 -15.80 -7.17
C PRO A 140 -19.87 -15.61 -5.72
N GLN A 141 -18.57 -15.50 -5.50
CA GLN A 141 -17.99 -15.28 -4.13
C GLN A 141 -18.27 -13.85 -3.59
N ILE A 142 -18.45 -12.91 -4.51
CA ILE A 142 -18.69 -11.55 -4.14
C ILE A 142 -20.20 -11.30 -3.95
N SER A 143 -21.03 -11.90 -4.80
CA SER A 143 -22.43 -11.51 -5.02
C SER A 143 -23.51 -12.38 -4.34
N ARG A 144 -23.09 -13.37 -3.56
CA ARG A 144 -24.05 -14.31 -2.95
C ARG A 144 -24.87 -13.65 -1.89
N SER A 145 -24.28 -12.68 -1.21
CA SER A 145 -24.97 -11.81 -0.26
C SER A 145 -26.21 -11.10 -0.86
N LEU A 146 -26.17 -10.78 -2.16
CA LEU A 146 -27.26 -10.09 -2.85
C LEU A 146 -28.63 -10.85 -2.82
N ALA A 147 -28.61 -12.16 -2.65
CA ALA A 147 -29.85 -12.91 -2.56
C ALA A 147 -30.29 -13.06 -1.12
N ASP A 148 -29.48 -12.60 -0.17
CA ASP A 148 -29.79 -12.75 1.25
C ASP A 148 -31.05 -11.97 1.66
N PRO A 149 -31.97 -12.66 2.34
CA PRO A 149 -33.18 -11.93 2.74
C PRO A 149 -33.02 -10.99 3.95
N ARG A 150 -31.86 -10.94 4.61
CA ARG A 150 -31.65 -9.80 5.54
C ARG A 150 -31.26 -8.52 4.78
N ALA A 151 -31.10 -8.64 3.47
CA ALA A 151 -30.80 -7.52 2.64
C ALA A 151 -32.01 -7.21 1.77
N THR A 152 -32.18 -5.92 1.48
CA THR A 152 -33.07 -5.49 0.41
C THR A 152 -32.27 -4.76 -0.67
N VAL A 153 -32.29 -5.25 -1.89
CA VAL A 153 -31.47 -4.72 -2.97
C VAL A 153 -32.32 -3.97 -4.02
N ARG A 154 -32.28 -2.63 -4.03
CA ARG A 154 -33.02 -1.79 -5.00
C ARG A 154 -32.08 -1.29 -6.11
N VAL A 155 -32.62 -1.14 -7.32
CA VAL A 155 -31.93 -0.44 -8.40
C VAL A 155 -32.46 1.00 -8.30
N GLY A 156 -31.55 1.95 -8.14
CA GLY A 156 -31.93 3.35 -7.95
C GLY A 156 -30.74 4.24 -7.75
N ASP A 157 -30.92 5.53 -8.04
CA ASP A 157 -29.95 6.59 -7.72
C ASP A 157 -29.80 6.73 -6.20
N GLY A 158 -28.59 6.59 -5.67
CA GLY A 158 -28.39 6.71 -4.22
C GLY A 158 -28.74 8.12 -3.74
N LEU A 159 -28.48 9.10 -4.60
CA LEU A 159 -28.81 10.48 -4.25
C LEU A 159 -30.34 10.67 -4.05
N ALA A 160 -31.15 10.25 -5.02
CA ALA A 160 -32.61 10.29 -4.88
C ALA A 160 -33.07 9.38 -3.73
N PHE A 161 -32.47 8.19 -3.59
CA PHE A 161 -32.77 7.34 -2.44
C PHE A 161 -32.53 7.96 -1.07
N VAL A 162 -31.43 8.68 -0.88
CA VAL A 162 -31.22 9.26 0.45
C VAL A 162 -32.17 10.43 0.70
N ARG A 163 -32.50 11.13 -0.39
CA ARG A 163 -33.37 12.29 -0.35
C ARG A 163 -34.78 11.89 0.17
N GLN A 164 -35.27 10.74 -0.30
CA GLN A 164 -36.59 10.20 0.03
C GLN A 164 -36.66 9.41 1.34
N THR A 165 -35.57 9.36 2.12
CA THR A 165 -35.49 8.55 3.37
C THR A 165 -35.70 9.51 4.55
N PRO A 166 -36.42 9.07 5.60
CA PRO A 166 -36.61 9.97 6.74
C PRO A 166 -35.43 10.06 7.70
N ASP A 167 -35.46 11.06 8.57
CA ASP A 167 -34.38 11.30 9.51
C ASP A 167 -34.07 10.03 10.28
N ASN A 168 -32.83 9.85 10.74
CA ASN A 168 -32.48 8.83 11.73
C ASN A 168 -33.05 7.49 11.40
N THR A 169 -32.92 7.11 10.13
CA THR A 169 -33.15 5.74 9.74
C THR A 169 -31.91 4.85 9.98
N TYR A 170 -30.67 5.34 9.73
CA TYR A 170 -29.57 4.39 9.68
C TYR A 170 -28.54 4.49 10.81
N ASP A 171 -28.01 3.35 11.24
CA ASP A 171 -26.87 3.42 12.14
C ASP A 171 -25.57 3.66 11.32
N VAL A 172 -25.52 3.12 10.10
CA VAL A 172 -24.28 3.15 9.34
C VAL A 172 -24.59 3.34 7.86
N VAL A 173 -23.93 4.31 7.23
CA VAL A 173 -24.07 4.44 5.78
C VAL A 173 -22.70 4.27 5.09
N ILE A 174 -22.63 3.39 4.09
CA ILE A 174 -21.38 3.06 3.42
C ILE A 174 -21.51 3.41 1.97
N ILE A 175 -20.64 4.26 1.50
CA ILE A 175 -20.77 4.80 0.16
C ILE A 175 -19.64 4.20 -0.73
N ASP A 176 -20.01 3.25 -1.58
CA ASP A 176 -19.07 2.47 -2.41
C ASP A 176 -19.41 2.76 -3.90
N THR A 177 -19.24 4.02 -4.29
CA THR A 177 -19.63 4.47 -5.62
C THR A 177 -18.40 4.86 -6.43
N GLU A 190 -23.21 18.82 -2.09
CA GLU A 190 -23.50 19.09 -0.68
C GLU A 190 -24.88 18.66 -0.21
N ALA A 191 -25.92 18.88 -1.02
CA ALA A 191 -27.27 18.36 -0.64
C ALA A 191 -27.23 16.84 -0.28
N PHE A 192 -26.23 16.13 -0.81
CA PHE A 192 -26.11 14.67 -0.60
C PHE A 192 -25.55 14.34 0.78
N TYR A 193 -24.41 14.94 1.09
CA TYR A 193 -23.79 14.75 2.35
C TYR A 193 -24.61 15.27 3.55
N LYS A 194 -25.43 16.29 3.32
CA LYS A 194 -26.34 16.75 4.36
C LYS A 194 -27.50 15.77 4.57
N ASP A 195 -28.08 15.26 3.48
CA ASP A 195 -28.99 14.12 3.57
C ASP A 195 -28.38 12.94 4.30
N VAL A 196 -27.14 12.60 3.93
CA VAL A 196 -26.45 11.48 4.60
C VAL A 196 -26.39 11.74 6.08
N LEU A 197 -25.90 12.92 6.46
CA LEU A 197 -25.97 13.27 7.87
C LEU A 197 -27.40 13.17 8.46
N ARG A 198 -28.42 13.58 7.70
CA ARG A 198 -29.79 13.63 8.23
C ARG A 198 -30.32 12.21 8.48
N ILE A 199 -30.16 11.30 7.50
CA ILE A 199 -30.73 9.96 7.60
C ILE A 199 -30.03 9.06 8.63
N LEU A 200 -28.90 9.52 9.15
CA LEU A 200 -28.21 8.73 10.15
C LEU A 200 -28.82 9.09 11.49
N LYS A 201 -28.78 8.10 12.40
CA LYS A 201 -29.17 8.25 13.79
C LYS A 201 -28.08 9.03 14.50
N PRO A 202 -28.39 9.59 15.69
CA PRO A 202 -27.41 10.39 16.42
C PRO A 202 -26.07 9.71 16.57
N ASP A 203 -26.08 8.38 16.57
CA ASP A 203 -24.92 7.54 16.76
C ASP A 203 -24.27 7.14 15.41
N GLY A 204 -24.79 7.62 14.29
CA GLY A 204 -24.39 7.13 12.96
C GLY A 204 -22.91 7.16 12.61
N ILE A 205 -22.48 6.23 11.73
CA ILE A 205 -21.17 6.21 11.05
C ILE A 205 -21.43 6.20 9.56
N CYS A 206 -20.68 7.01 8.82
CA CYS A 206 -20.69 7.04 7.37
C CYS A 206 -19.26 6.75 6.91
N CYS A 207 -19.07 5.83 5.97
CA CYS A 207 -17.75 5.83 5.36
C CYS A 207 -17.89 5.71 3.86
N ASN A 208 -16.85 6.05 3.13
CA ASN A 208 -17.01 6.09 1.70
C ASN A 208 -15.81 5.47 0.98
N GLN A 209 -15.87 5.34 -0.35
CA GLN A 209 -14.66 5.07 -1.13
C GLN A 209 -14.00 6.40 -1.24
N GLY A 210 -12.93 6.61 -0.51
CA GLY A 210 -12.11 7.82 -0.67
C GLY A 210 -11.24 7.63 -1.91
N GLU A 211 -10.44 8.61 -2.24
CA GLU A 211 -9.57 8.38 -3.36
C GLU A 211 -8.18 8.00 -2.81
N SER A 212 -7.16 8.34 -3.58
CA SER A 212 -5.77 8.00 -3.31
C SER A 212 -5.04 9.21 -2.74
N ILE A 213 -4.21 8.97 -1.71
CA ILE A 213 -3.32 10.04 -1.19
C ILE A 213 -2.25 10.41 -2.20
N TRP A 214 -2.01 9.57 -3.20
CA TRP A 214 -1.01 9.90 -4.17
C TRP A 214 -1.68 10.65 -5.32
N LEU A 215 -2.94 10.32 -5.66
CA LEU A 215 -3.54 10.96 -6.87
C LEU A 215 -4.47 12.11 -6.56
N ASP A 216 -5.13 12.09 -5.41
CA ASP A 216 -6.02 13.23 -5.13
C ASP A 216 -6.08 13.70 -3.71
N LEU A 217 -4.90 14.02 -3.23
CA LEU A 217 -4.72 14.47 -1.85
C LEU A 217 -5.54 15.73 -1.56
N GLU A 218 -5.58 16.64 -2.56
CA GLU A 218 -6.31 17.94 -2.44
C GLU A 218 -7.79 17.64 -2.26
N LEU A 219 -8.26 16.66 -3.03
CA LEU A 219 -9.69 16.32 -3.04
C LEU A 219 -10.03 15.75 -1.68
N ILE A 220 -9.14 14.90 -1.16
CA ILE A 220 -9.40 14.24 0.08
C ILE A 220 -9.46 15.34 1.15
N GLU A 221 -8.46 16.25 1.18
CA GLU A 221 -8.47 17.41 2.12
C GLU A 221 -9.84 18.12 2.06
N LYS A 222 -10.28 18.47 0.84
CA LYS A 222 -11.52 19.23 0.63
C LYS A 222 -12.74 18.46 1.07
N MET A 223 -12.80 17.17 0.76
CA MET A 223 -14.00 16.39 1.11
C MET A 223 -14.12 16.33 2.59
N SER A 224 -13.01 16.09 3.23
CA SER A 224 -13.00 15.96 4.62
C SER A 224 -13.40 17.25 5.30
N ARG A 225 -12.78 18.36 4.91
CA ARG A 225 -13.15 19.63 5.56
C ARG A 225 -14.66 19.85 5.43
N PHE A 226 -15.21 19.65 4.25
CA PHE A 226 -16.61 19.97 4.08
C PHE A 226 -17.60 18.92 4.61
N ILE A 227 -17.21 17.66 4.70
CA ILE A 227 -18.06 16.72 5.45
C ILE A 227 -18.11 17.22 6.90
N ARG A 228 -16.99 17.67 7.43
CA ARG A 228 -17.02 18.25 8.77
C ARG A 228 -17.94 19.44 8.85
N GLU A 229 -17.74 20.44 7.99
CA GLU A 229 -18.59 21.63 8.00
C GLU A 229 -20.09 21.36 7.77
N THR A 230 -20.46 20.41 6.91
CA THR A 230 -21.82 19.85 6.78
C THR A 230 -22.40 19.49 8.15
N GLY A 231 -21.56 19.11 9.10
CA GLY A 231 -22.08 18.86 10.41
C GLY A 231 -21.62 17.57 11.07
N PHE A 232 -20.89 16.69 10.36
CA PHE A 232 -20.24 15.54 11.04
C PHE A 232 -19.27 15.98 12.08
N ALA A 233 -19.22 15.22 13.17
CA ALA A 233 -18.42 15.59 14.29
C ALA A 233 -16.95 15.31 14.08
N SER A 234 -16.61 14.20 13.41
CA SER A 234 -15.22 13.81 13.10
C SER A 234 -15.22 13.02 11.78
N VAL A 235 -14.05 13.02 11.14
CA VAL A 235 -13.82 12.40 9.84
C VAL A 235 -12.31 12.06 9.85
N GLN A 236 -12.01 10.79 9.69
CA GLN A 236 -10.64 10.30 9.66
C GLN A 236 -10.46 9.41 8.42
N TYR A 237 -9.27 9.46 7.83
CA TYR A 237 -9.06 8.79 6.57
C TYR A 237 -8.27 7.52 6.79
N ALA A 238 -8.80 6.41 6.30
CA ALA A 238 -8.19 5.08 6.51
C ALA A 238 -7.56 4.62 5.16
N LEU A 239 -6.27 4.28 5.16
CA LEU A 239 -5.51 3.86 3.96
C LEU A 239 -5.44 2.33 3.90
N MET A 240 -5.56 1.74 2.71
CA MET A 240 -5.51 0.26 2.54
C MET A 240 -4.72 -0.10 1.28
N HIS A 241 -4.10 -1.28 1.25
CA HIS A 241 -3.31 -1.71 0.15
C HIS A 241 -4.16 -2.48 -0.80
N VAL A 242 -4.33 -1.90 -1.99
CA VAL A 242 -5.07 -2.55 -3.06
C VAL A 242 -4.21 -2.58 -4.36
N PRO A 243 -3.55 -3.70 -4.65
CA PRO A 243 -2.52 -3.73 -5.74
C PRO A 243 -3.07 -3.46 -7.14
N THR A 244 -4.34 -3.78 -7.36
CA THR A 244 -4.98 -3.53 -8.66
C THR A 244 -5.51 -2.09 -8.86
N TYR A 245 -5.45 -1.23 -7.86
CA TYR A 245 -5.95 0.15 -8.05
C TYR A 245 -4.81 1.07 -8.37
N PRO A 246 -5.09 2.22 -9.02
CA PRO A 246 -4.01 3.12 -9.40
C PRO A 246 -3.12 3.45 -8.20
N CYS A 247 -1.83 3.26 -8.38
CA CYS A 247 -0.80 3.52 -7.36
C CYS A 247 -0.88 2.54 -6.18
N GLY A 248 -1.78 1.57 -6.23
CA GLY A 248 -1.70 0.42 -5.33
C GLY A 248 -2.31 0.60 -3.93
N SER A 249 -2.96 1.74 -3.75
CA SER A 249 -3.73 1.96 -2.52
C SER A 249 -4.97 2.82 -2.72
N ILE A 250 -5.85 2.83 -1.72
CA ILE A 250 -6.98 3.68 -1.77
C ILE A 250 -7.44 3.90 -0.32
N GLY A 251 -8.42 4.75 -0.10
CA GLY A 251 -8.74 5.09 1.28
C GLY A 251 -10.22 5.18 1.54
N THR A 252 -10.59 5.39 2.79
CA THR A 252 -11.99 5.62 3.12
C THR A 252 -12.04 6.67 4.20
N LEU A 253 -12.91 7.67 4.01
CA LEU A 253 -13.19 8.64 5.03
C LEU A 253 -14.18 8.06 6.02
N VAL A 254 -13.79 8.00 7.28
CA VAL A 254 -14.65 7.38 8.29
C VAL A 254 -15.14 8.49 9.20
N CYS A 255 -16.46 8.71 9.14
CA CYS A 255 -17.05 9.91 9.62
C CYS A 255 -18.05 9.56 10.69
N SER A 256 -17.99 10.29 11.80
CA SER A 256 -18.85 10.04 12.96
C SER A 256 -19.75 11.25 13.14
N LYS A 257 -21.07 10.99 13.16
CA LYS A 257 -22.12 11.99 13.35
C LYS A 257 -22.04 12.57 14.74
N LYS A 258 -21.68 11.74 15.73
CA LYS A 258 -21.60 12.21 17.12
C LYS A 258 -20.21 12.62 17.50
N ALA A 259 -20.12 13.61 18.40
CA ALA A 259 -18.84 14.09 18.99
C ALA A 259 -18.19 13.15 20.01
N GLY A 260 -16.89 13.31 20.16
CA GLY A 260 -16.13 12.56 21.15
C GLY A 260 -15.93 11.09 20.76
N VAL A 261 -16.29 10.70 19.54
CA VAL A 261 -15.99 9.29 19.15
C VAL A 261 -14.70 9.14 18.33
N ASP A 262 -13.94 8.11 18.68
CA ASP A 262 -12.65 7.89 18.03
C ASP A 262 -12.68 6.69 17.11
N VAL A 263 -12.88 6.91 15.81
CA VAL A 263 -13.03 5.75 14.93
C VAL A 263 -11.75 4.98 14.67
N THR A 264 -10.63 5.50 15.16
CA THR A 264 -9.32 4.97 14.73
C THR A 264 -8.87 3.85 15.62
N LYS A 265 -9.63 3.63 16.69
CA LYS A 265 -9.50 2.48 17.59
C LYS A 265 -10.86 1.71 17.62
N PRO A 266 -10.80 0.41 17.34
CA PRO A 266 -12.04 -0.29 17.15
C PRO A 266 -12.91 -0.14 18.40
N LEU A 267 -14.11 0.40 18.24
CA LEU A 267 -15.08 0.36 19.34
C LEU A 267 -15.46 -1.07 19.76
N ARG A 268 -15.79 -1.95 18.80
CA ARG A 268 -16.12 -3.36 19.10
C ARG A 268 -15.15 -4.25 18.31
N PRO A 269 -14.09 -4.68 18.97
CA PRO A 269 -13.07 -5.37 18.13
C PRO A 269 -13.66 -6.58 17.40
N VAL A 270 -13.19 -6.87 16.18
CA VAL A 270 -13.76 -7.99 15.45
C VAL A 270 -13.29 -9.32 16.08
N GLU A 271 -12.16 -9.28 16.79
CA GLU A 271 -11.60 -10.46 17.39
C GLU A 271 -12.58 -11.08 18.43
N ASP A 272 -13.57 -10.34 18.89
CA ASP A 272 -14.60 -10.88 19.79
C ASP A 272 -15.85 -11.35 19.08
N MET A 273 -15.84 -11.34 17.74
CA MET A 273 -16.98 -11.79 16.99
C MET A 273 -16.62 -13.15 16.38
N PRO A 274 -17.64 -14.00 16.08
CA PRO A 274 -17.37 -15.36 15.57
C PRO A 274 -16.61 -15.45 14.26
N PHE A 275 -16.73 -14.45 13.39
CA PHE A 275 -16.20 -14.55 12.06
C PHE A 275 -14.78 -13.98 11.84
N ALA A 276 -14.10 -13.49 12.88
CA ALA A 276 -12.76 -12.82 12.75
C ALA A 276 -11.73 -13.56 11.92
N LYS A 277 -11.71 -14.87 12.11
CA LYS A 277 -10.75 -15.75 11.43
C LYS A 277 -11.03 -16.02 9.97
N ASP A 278 -12.28 -15.84 9.54
CA ASP A 278 -12.64 -15.92 8.10
C ASP A 278 -12.10 -14.78 7.20
N LEU A 279 -11.56 -13.71 7.80
CA LEU A 279 -11.27 -12.46 7.04
C LEU A 279 -9.87 -12.56 6.47
N LYS A 280 -9.62 -11.93 5.34
CA LYS A 280 -8.29 -12.09 4.78
C LYS A 280 -7.36 -10.91 4.96
N TYR A 281 -7.86 -9.70 5.29
CA TYR A 281 -7.07 -8.48 5.36
C TYR A 281 -7.29 -7.84 6.69
N TYR A 282 -8.54 -7.56 7.00
CA TYR A 282 -8.91 -6.82 8.23
C TYR A 282 -8.77 -7.60 9.52
N ASP A 283 -8.22 -6.93 10.53
CA ASP A 283 -8.31 -7.25 11.97
C ASP A 283 -8.07 -5.93 12.73
N SER A 284 -8.11 -5.98 14.07
CA SER A 284 -7.91 -4.73 14.88
C SER A 284 -6.58 -4.02 14.63
N GLU A 285 -5.48 -4.77 14.58
CA GLU A 285 -4.16 -4.14 14.25
C GLU A 285 -4.16 -3.41 12.91
N MET A 286 -4.78 -4.03 11.92
CA MET A 286 -4.90 -3.38 10.61
C MET A 286 -5.79 -2.14 10.68
N HIS A 287 -6.85 -2.23 11.47
CA HIS A 287 -7.73 -1.12 11.74
C HIS A 287 -6.93 0.07 12.27
N LYS A 288 -6.30 -0.09 13.43
CA LYS A 288 -5.50 1.04 13.92
C LYS A 288 -4.42 1.48 12.91
N ALA A 289 -3.72 0.56 12.27
CA ALA A 289 -2.61 1.02 11.37
C ALA A 289 -3.13 1.81 10.17
N SER A 290 -4.39 1.56 9.75
CA SER A 290 -4.84 2.18 8.50
C SER A 290 -4.99 3.70 8.60
N PHE A 291 -5.16 4.19 9.83
CA PHE A 291 -5.22 5.63 10.11
C PHE A 291 -3.87 6.37 10.22
N ALA A 292 -2.76 5.63 10.23
CA ALA A 292 -1.38 6.26 10.25
C ALA A 292 -1.05 6.70 8.87
N LEU A 293 -0.82 7.99 8.63
CA LEU A 293 -0.52 8.30 7.24
C LEU A 293 0.98 8.71 7.02
N PRO A 294 1.53 8.43 5.83
CA PRO A 294 2.82 9.00 5.50
C PRO A 294 2.75 10.44 5.79
N ARG A 295 3.84 10.98 6.33
CA ARG A 295 3.96 12.39 6.72
C ARG A 295 3.44 13.43 5.74
N PHE A 296 3.72 13.31 4.45
CA PHE A 296 3.19 14.31 3.51
C PHE A 296 1.64 14.37 3.54
N ALA A 297 0.94 13.29 3.95
CA ALA A 297 -0.57 13.18 3.94
C ALA A 297 -1.19 13.30 5.32
N ARG A 298 -0.37 13.34 6.38
CA ARG A 298 -0.93 13.24 7.74
C ARG A 298 -1.78 14.43 8.23
N HIS A 299 -1.68 15.56 7.55
CA HIS A 299 -2.51 16.67 7.97
C HIS A 299 -4.00 16.37 7.71
N ILE A 300 -4.29 15.35 6.90
CA ILE A 300 -5.67 15.05 6.54
C ILE A 300 -6.38 14.65 7.81
N ASN A 301 -5.63 13.92 8.63
CA ASN A 301 -6.08 13.33 9.87
C ASN A 301 -5.73 14.03 11.17
N ASN A 302 -4.74 14.95 11.14
CA ASN A 302 -4.03 15.44 12.34
C ASN A 302 -3.56 14.35 13.34
N GLY B 18 8.43 7.11 -27.41
CA GLY B 18 7.99 5.70 -27.19
C GLY B 18 7.67 5.40 -25.72
N TRP B 19 7.57 4.11 -25.39
CA TRP B 19 7.19 3.65 -24.04
C TRP B 19 8.24 2.68 -23.42
N PHE B 20 8.49 2.82 -22.10
CA PHE B 20 9.20 1.77 -21.33
C PHE B 20 8.12 0.81 -20.82
N ARG B 21 8.13 -0.46 -21.24
CA ARG B 21 7.21 -1.44 -20.66
C ARG B 21 7.89 -2.42 -19.70
N GLU B 22 7.20 -2.74 -18.62
CA GLU B 22 7.72 -3.58 -17.56
C GLU B 22 6.77 -4.74 -17.50
N GLU B 23 7.28 -5.96 -17.59
CA GLU B 23 6.46 -7.10 -17.19
C GLU B 23 7.27 -8.22 -16.59
N ASN B 24 6.59 -9.30 -16.21
CA ASN B 24 7.27 -10.40 -15.52
C ASN B 24 6.69 -11.74 -15.83
N ASP B 25 7.57 -12.64 -16.30
CA ASP B 25 7.24 -14.00 -16.76
C ASP B 25 6.64 -14.88 -15.67
N GLN B 26 6.87 -14.50 -14.42
CA GLN B 26 6.28 -15.16 -13.27
C GLN B 26 4.83 -14.72 -13.04
N TRP B 27 4.52 -13.49 -13.47
CA TRP B 27 3.18 -12.91 -13.32
C TRP B 27 2.65 -12.57 -14.71
N PRO B 28 2.51 -13.61 -15.56
CA PRO B 28 2.56 -13.48 -17.05
C PRO B 28 1.64 -12.45 -17.75
N GLY B 29 0.34 -12.44 -17.47
CA GLY B 29 -0.57 -11.58 -18.25
C GLY B 29 -0.83 -10.11 -17.88
N GLN B 30 0.17 -9.36 -17.40
CA GLN B 30 -0.01 -7.92 -17.19
C GLN B 30 1.24 -7.12 -17.50
N ALA B 31 1.07 -5.83 -17.76
CA ALA B 31 2.22 -4.95 -17.94
C ALA B 31 1.93 -3.53 -17.39
N MET B 32 2.99 -2.78 -17.15
CA MET B 32 2.86 -1.40 -16.72
C MET B 32 3.80 -0.53 -17.59
N SER B 33 3.32 0.56 -18.17
CA SER B 33 4.24 1.28 -19.05
C SER B 33 4.35 2.74 -18.68
N LEU B 34 5.50 3.35 -18.99
CA LEU B 34 5.65 4.77 -18.84
C LEU B 34 6.15 5.36 -20.13
N ARG B 35 5.66 6.54 -20.48
CA ARG B 35 6.14 7.25 -21.67
C ARG B 35 7.57 7.75 -21.46
N VAL B 36 8.43 7.53 -22.44
CA VAL B 36 9.78 8.05 -22.39
C VAL B 36 9.82 9.41 -23.07
N GLU B 37 10.24 10.42 -22.34
CA GLU B 37 10.39 11.74 -22.90
C GLU B 37 11.82 11.98 -23.42
N LYS B 38 12.82 11.47 -22.71
CA LYS B 38 14.23 11.57 -23.11
C LYS B 38 15.00 10.38 -22.51
N VAL B 39 15.60 9.54 -23.36
CA VAL B 39 16.48 8.43 -22.91
C VAL B 39 17.76 9.12 -22.43
N LEU B 40 18.19 8.86 -21.20
CA LEU B 40 19.42 9.53 -20.71
C LEU B 40 20.60 8.57 -20.58
N TYR B 41 20.29 7.28 -20.40
CA TYR B 41 21.27 6.21 -20.39
C TYR B 41 20.58 4.90 -20.72
N ASP B 42 21.28 4.07 -21.50
CA ASP B 42 20.76 2.76 -21.87
C ASP B 42 21.85 1.84 -22.38
N ALA B 43 22.55 1.15 -21.47
CA ALA B 43 23.68 0.31 -21.84
C ALA B 43 23.83 -0.88 -20.89
N PRO B 44 24.31 -2.03 -21.41
CA PRO B 44 24.77 -3.02 -20.46
C PRO B 44 25.87 -2.44 -19.60
N THR B 45 26.01 -3.02 -18.41
CA THR B 45 27.04 -2.68 -17.52
C THR B 45 27.78 -4.00 -17.36
N LYS B 46 28.84 -4.03 -16.54
CA LYS B 46 29.51 -5.30 -16.23
C LYS B 46 28.59 -6.29 -15.55
N PHE B 47 27.54 -5.81 -14.87
CA PHE B 47 26.66 -6.66 -14.04
C PHE B 47 25.16 -6.64 -14.35
N GLN B 48 24.65 -5.62 -15.03
CA GLN B 48 23.22 -5.54 -15.25
C GLN B 48 22.86 -4.48 -16.32
N HIS B 49 21.71 -4.64 -16.98
CA HIS B 49 21.18 -3.57 -17.81
C HIS B 49 20.67 -2.35 -17.00
N LEU B 50 21.21 -1.20 -17.37
CA LEU B 50 20.97 0.02 -16.66
C LEU B 50 20.32 1.02 -17.57
N THR B 51 19.08 1.36 -17.22
CA THR B 51 18.31 2.30 -18.03
C THR B 51 17.91 3.48 -17.19
N ILE B 52 18.21 4.68 -17.67
CA ILE B 52 17.70 5.90 -17.09
C ILE B 52 17.05 6.77 -18.17
N PHE B 53 15.85 7.30 -17.87
CA PHE B 53 15.12 8.18 -18.76
C PHE B 53 14.26 9.19 -17.99
N GLU B 54 13.95 10.32 -18.64
CA GLU B 54 13.00 11.29 -18.07
C GLU B 54 11.66 10.86 -18.57
N SER B 55 10.69 10.81 -17.68
CA SER B 55 9.36 10.41 -18.08
C SER B 55 8.58 11.64 -18.46
N ASP B 56 7.31 11.43 -18.74
CA ASP B 56 6.42 12.47 -19.15
C ASP B 56 6.47 13.71 -18.26
N PRO B 57 6.88 14.86 -18.83
CA PRO B 57 6.96 16.01 -17.91
C PRO B 57 5.58 16.51 -17.42
N LYS B 58 4.50 16.04 -18.06
CA LYS B 58 3.15 16.33 -17.57
C LYS B 58 2.66 15.33 -16.51
N GLY B 59 3.47 14.32 -16.25
CA GLY B 59 3.22 13.37 -15.16
C GLY B 59 4.14 13.63 -13.99
N PRO B 60 3.97 12.87 -12.91
CA PRO B 60 4.75 13.15 -11.72
C PRO B 60 6.04 12.39 -11.53
N TRP B 61 6.35 11.43 -12.39
CA TRP B 61 7.42 10.48 -12.10
C TRP B 61 8.86 11.09 -12.23
N GLY B 62 9.01 12.13 -13.04
CA GLY B 62 10.32 12.76 -13.27
C GLY B 62 11.27 11.77 -13.87
N THR B 63 12.52 11.74 -13.35
CA THR B 63 13.54 10.80 -13.83
C THR B 63 13.34 9.39 -13.23
N VAL B 64 13.50 8.38 -14.08
CA VAL B 64 13.32 6.96 -13.71
C VAL B 64 14.55 6.13 -14.04
N MET B 65 14.94 5.24 -13.14
CA MET B 65 16.03 4.30 -13.30
C MET B 65 15.52 2.87 -13.21
N ALA B 66 15.83 2.06 -14.24
CA ALA B 66 15.51 0.64 -14.25
C ALA B 66 16.77 -0.24 -14.32
N LEU B 67 16.70 -1.41 -13.66
CA LEU B 67 17.78 -2.37 -13.67
C LEU B 67 17.20 -3.65 -14.13
N ASP B 68 17.88 -4.25 -15.12
CA ASP B 68 17.36 -5.39 -15.89
C ASP B 68 15.87 -5.25 -16.12
N GLY B 69 15.47 -4.04 -16.52
CA GLY B 69 14.09 -3.75 -16.89
C GLY B 69 13.10 -3.70 -15.74
N CYS B 70 13.58 -3.58 -14.48
CA CYS B 70 12.72 -3.40 -13.30
C CYS B 70 12.96 -2.00 -12.78
N ILE B 71 11.97 -1.13 -12.83
CA ILE B 71 12.12 0.13 -12.06
C ILE B 71 12.65 -0.03 -10.64
N GLN B 72 13.64 0.80 -10.33
CA GLN B 72 14.31 0.77 -9.06
C GLN B 72 14.14 2.10 -8.31
N VAL B 73 14.04 3.20 -9.07
CA VAL B 73 14.06 4.52 -8.49
C VAL B 73 13.31 5.47 -9.41
N THR B 74 12.43 6.28 -8.84
CA THR B 74 11.83 7.40 -9.58
C THR B 74 11.98 8.63 -8.70
N ASP B 75 12.07 9.80 -9.31
CA ASP B 75 12.03 11.05 -8.53
C ASP B 75 10.85 11.16 -7.58
N TYR B 76 9.69 10.64 -8.00
CA TYR B 76 8.43 10.81 -7.34
C TYR B 76 8.31 10.17 -5.96
N ASP B 77 8.73 8.91 -5.80
CA ASP B 77 8.53 8.20 -4.52
C ASP B 77 9.79 7.59 -3.94
N GLU B 78 10.96 8.03 -4.39
CA GLU B 78 12.16 7.41 -3.91
C GLU B 78 12.27 7.65 -2.38
N PHE B 79 11.81 8.80 -1.92
CA PHE B 79 11.77 9.07 -0.50
C PHE B 79 11.17 7.92 0.33
N VAL B 80 10.22 7.13 -0.19
CA VAL B 80 9.50 6.15 0.68
C VAL B 80 10.46 5.12 1.18
N TYR B 81 10.98 4.37 0.24
CA TYR B 81 11.84 3.20 0.52
C TYR B 81 13.13 3.65 1.14
N HIS B 82 13.65 4.81 0.73
CA HIS B 82 14.84 5.40 1.37
C HIS B 82 14.71 5.82 2.84
N GLU B 83 13.65 6.50 3.20
CA GLU B 83 13.42 6.73 4.62
C GLU B 83 13.07 5.49 5.43
N VAL B 84 12.27 4.57 4.87
CA VAL B 84 11.88 3.40 5.70
C VAL B 84 13.11 2.55 6.02
N LEU B 85 13.91 2.15 5.03
CA LEU B 85 15.12 1.39 5.32
C LEU B 85 16.01 2.18 6.24
N GLY B 86 16.34 3.41 5.84
CA GLY B 86 17.24 4.25 6.64
C GLY B 86 16.78 4.45 8.06
N HIS B 87 15.53 4.83 8.34
CA HIS B 87 15.23 5.23 9.72
C HIS B 87 14.59 4.10 10.56
N THR B 88 13.90 3.15 9.91
CA THR B 88 13.30 2.05 10.67
C THR B 88 14.48 1.32 11.33
N SER B 89 15.50 0.97 10.55
CA SER B 89 16.70 0.31 11.10
C SER B 89 17.36 1.16 12.20
N LEU B 90 17.93 2.33 11.85
CA LEU B 90 18.67 3.18 12.82
C LEU B 90 17.91 3.56 14.10
N CYS B 91 16.63 3.97 13.97
CA CYS B 91 15.74 4.20 15.13
C CYS B 91 15.38 2.91 15.86
N SER B 92 15.89 1.79 15.38
CA SER B 92 15.75 0.59 16.21
C SER B 92 17.02 0.27 17.04
N HIS B 93 18.07 1.01 16.74
CA HIS B 93 19.31 0.87 17.44
C HIS B 93 19.51 1.89 18.58
N PRO B 94 20.18 1.48 19.71
CA PRO B 94 20.35 2.39 20.87
C PRO B 94 21.24 3.57 20.56
N LYS B 95 22.27 3.37 19.73
CA LYS B 95 23.19 4.43 19.35
C LYS B 95 24.01 3.96 18.14
N PRO B 96 23.49 4.21 16.90
CA PRO B 96 24.17 3.66 15.74
C PRO B 96 25.29 4.56 15.14
N GLU B 97 26.53 4.06 15.15
CA GLU B 97 27.68 4.92 14.87
C GLU B 97 28.39 4.54 13.61
N ARG B 98 28.44 3.23 13.34
CA ARG B 98 29.05 2.68 12.14
C ARG B 98 27.99 1.89 11.38
N VAL B 99 27.94 2.13 10.06
CA VAL B 99 26.82 1.66 9.23
C VAL B 99 27.37 1.15 7.95
N LEU B 100 26.93 -0.07 7.58
CA LEU B 100 27.17 -0.62 6.25
C LEU B 100 25.89 -0.62 5.41
N ILE B 101 26.05 -0.20 4.16
CA ILE B 101 25.03 -0.32 3.17
C ILE B 101 25.63 -1.17 2.10
N ILE B 102 24.94 -2.28 1.80
CA ILE B 102 25.27 -3.15 0.68
C ILE B 102 24.33 -2.86 -0.51
N GLY B 103 24.88 -2.64 -1.69
CA GLY B 103 24.16 -2.08 -2.81
C GLY B 103 23.97 -0.61 -2.50
N GLY B 104 22.76 -0.08 -2.77
CA GLY B 104 22.38 1.29 -2.43
C GLY B 104 23.13 2.37 -3.20
N GLY B 105 23.58 2.01 -4.40
CA GLY B 105 24.49 2.81 -5.20
C GLY B 105 23.94 4.13 -5.73
N ASP B 106 22.61 4.31 -5.62
CA ASP B 106 21.94 5.55 -6.01
C ASP B 106 22.18 6.56 -4.89
N GLY B 107 22.54 6.02 -3.74
CA GLY B 107 22.83 6.85 -2.60
C GLY B 107 21.63 7.22 -1.75
N GLY B 108 20.44 6.84 -2.16
CA GLY B 108 19.28 7.31 -1.37
C GLY B 108 19.23 6.89 0.08
N VAL B 109 19.52 5.64 0.35
CA VAL B 109 19.53 5.23 1.73
C VAL B 109 20.58 5.97 2.57
N LEU B 110 21.76 6.15 1.99
CA LEU B 110 22.92 6.78 2.63
C LEU B 110 22.48 8.19 2.98
N ARG B 111 21.88 8.92 2.02
CA ARG B 111 21.38 10.26 2.36
C ARG B 111 20.62 10.13 3.68
N GLU B 112 19.81 9.08 3.80
CA GLU B 112 18.86 9.03 4.93
C GLU B 112 19.63 8.64 6.19
N VAL B 113 20.51 7.65 6.06
CA VAL B 113 21.53 7.33 7.10
C VAL B 113 22.27 8.59 7.65
N LEU B 114 22.81 9.42 6.75
CA LEU B 114 23.58 10.63 7.13
C LEU B 114 22.83 11.69 7.91
N ARG B 115 21.49 11.60 7.97
CA ARG B 115 20.75 12.59 8.76
C ARG B 115 20.96 12.35 10.21
N HIS B 116 21.34 11.14 10.56
CA HIS B 116 21.50 10.83 11.97
C HIS B 116 22.90 11.32 12.43
N GLY B 117 22.89 12.17 13.45
CA GLY B 117 24.11 12.71 14.08
C GLY B 117 24.95 11.62 14.74
N THR B 118 24.30 10.60 15.27
CA THR B 118 25.08 9.55 15.89
C THR B 118 26.05 8.91 14.90
N VAL B 119 25.76 9.00 13.61
CA VAL B 119 26.51 8.25 12.61
C VAL B 119 27.91 8.86 12.39
N GLU B 120 28.95 8.06 12.67
CA GLU B 120 30.32 8.53 12.64
C GLU B 120 30.81 8.26 11.29
N HIS B 121 30.46 7.07 10.78
CA HIS B 121 30.98 6.61 9.50
C HIS B 121 29.99 5.67 8.82
N CYS B 122 29.93 5.71 7.50
CA CYS B 122 29.13 4.74 6.77
C CYS B 122 29.86 4.24 5.58
N ASP B 123 30.01 2.92 5.49
CA ASP B 123 30.52 2.35 4.27
C ASP B 123 29.32 1.93 3.46
N LEU B 124 29.46 2.04 2.14
CA LEU B 124 28.43 1.69 1.21
C LEU B 124 29.15 0.86 0.20
N VAL B 125 28.74 -0.38 0.02
CA VAL B 125 29.35 -1.23 -1.00
C VAL B 125 28.39 -1.64 -2.12
N ASP B 126 28.68 -1.24 -3.34
CA ASP B 126 27.79 -1.57 -4.46
C ASP B 126 28.55 -2.21 -5.61
N ILE B 127 28.05 -3.36 -6.05
CA ILE B 127 28.72 -4.10 -7.09
C ILE B 127 28.93 -3.32 -8.37
N ASP B 128 28.18 -2.25 -8.60
CA ASP B 128 28.10 -1.71 -9.94
C ASP B 128 28.52 -0.24 -10.03
N GLY B 129 29.78 0.00 -10.33
CA GLY B 129 30.29 1.35 -10.44
C GLY B 129 29.42 2.23 -11.31
N GLU B 130 28.90 1.69 -12.41
CA GLU B 130 28.09 2.45 -13.37
C GLU B 130 26.82 3.08 -12.76
N VAL B 131 26.20 2.35 -11.83
CA VAL B 131 25.04 2.84 -11.12
C VAL B 131 25.36 4.14 -10.40
N MET B 132 26.45 4.22 -9.64
CA MET B 132 26.72 5.46 -8.88
C MET B 132 27.04 6.65 -9.75
N GLU B 133 27.71 6.37 -10.86
CA GLU B 133 28.15 7.36 -11.81
C GLU B 133 26.92 7.97 -12.51
N GLN B 134 26.13 7.10 -13.13
CA GLN B 134 24.82 7.53 -13.63
C GLN B 134 23.94 8.25 -12.59
N SER B 135 24.07 7.89 -11.32
CA SER B 135 23.28 8.52 -10.30
C SER B 135 23.73 9.95 -10.03
N LYS B 136 25.04 10.17 -9.81
CA LYS B 136 25.63 11.54 -9.69
C LYS B 136 25.21 12.43 -10.87
N GLN B 137 25.20 11.85 -12.06
CA GLN B 137 24.80 12.56 -13.29
C GLN B 137 23.28 12.84 -13.43
N HIS B 138 22.41 11.91 -13.05
CA HIS B 138 20.98 12.11 -13.32
C HIS B 138 20.04 12.06 -12.12
N PHE B 139 20.59 11.90 -10.93
CA PHE B 139 19.80 11.95 -9.73
C PHE B 139 20.56 12.74 -8.65
N PRO B 140 20.83 14.01 -8.93
CA PRO B 140 21.47 14.87 -7.92
C PRO B 140 20.87 14.80 -6.51
N GLN B 141 19.53 14.89 -6.36
CA GLN B 141 18.95 14.90 -4.99
C GLN B 141 19.01 13.52 -4.30
N ILE B 142 19.35 12.49 -5.05
CA ILE B 142 19.57 11.19 -4.43
C ILE B 142 21.07 10.94 -4.14
N SER B 143 21.93 11.39 -5.05
CA SER B 143 23.35 11.03 -5.01
C SER B 143 24.31 11.97 -4.24
N ARG B 144 23.90 13.21 -3.98
CA ARG B 144 24.72 14.16 -3.22
C ARG B 144 25.52 13.41 -2.16
N SER B 145 24.81 12.60 -1.38
CA SER B 145 25.32 11.92 -0.21
C SER B 145 26.57 11.04 -0.51
N LEU B 146 26.81 10.68 -1.77
CA LEU B 146 27.93 9.81 -2.12
C LEU B 146 29.33 10.44 -1.88
N ALA B 147 29.42 11.77 -1.97
CA ALA B 147 30.67 12.47 -1.69
C ALA B 147 30.74 12.98 -0.27
N ASP B 148 29.84 12.57 0.60
CA ASP B 148 29.93 13.05 1.95
C ASP B 148 31.19 12.51 2.73
N PRO B 149 31.81 13.36 3.59
CA PRO B 149 33.04 12.92 4.33
C PRO B 149 32.84 11.86 5.42
N ARG B 150 31.60 11.65 5.85
CA ARG B 150 31.36 10.52 6.76
C ARG B 150 31.12 9.21 5.99
N ALA B 151 31.22 9.23 4.67
CA ALA B 151 30.93 8.01 3.93
C ALA B 151 32.14 7.53 3.22
N THR B 152 32.22 6.22 3.09
CA THR B 152 33.16 5.66 2.13
C THR B 152 32.44 4.77 1.13
N VAL B 153 32.76 4.94 -0.15
CA VAL B 153 32.00 4.35 -1.23
C VAL B 153 32.89 3.39 -1.96
N ARG B 154 32.52 2.11 -2.00
CA ARG B 154 33.30 1.09 -2.73
C ARG B 154 32.54 0.50 -3.87
N VAL B 155 33.27 0.07 -4.90
CA VAL B 155 32.71 -0.64 -6.06
C VAL B 155 33.11 -2.08 -5.89
N GLY B 156 32.19 -2.91 -5.40
CA GLY B 156 32.48 -4.32 -5.24
C GLY B 156 31.30 -5.17 -4.77
N ASP B 157 31.49 -6.48 -4.90
CA ASP B 157 30.55 -7.49 -4.39
C ASP B 157 30.38 -7.43 -2.87
N GLY B 158 29.16 -7.17 -2.42
CA GLY B 158 28.92 -7.20 -0.96
C GLY B 158 29.22 -8.56 -0.33
N LEU B 159 29.01 -9.64 -1.09
CA LEU B 159 29.26 -11.00 -0.60
C LEU B 159 30.70 -11.17 -0.12
N ALA B 160 31.62 -10.75 -0.98
CA ALA B 160 33.03 -10.75 -0.69
C ALA B 160 33.35 -9.74 0.41
N PHE B 161 32.89 -8.50 0.21
CA PHE B 161 33.17 -7.46 1.19
C PHE B 161 32.85 -7.92 2.60
N VAL B 162 31.65 -8.40 2.87
CA VAL B 162 31.39 -8.91 4.24
C VAL B 162 32.22 -10.16 4.61
N ARG B 163 32.58 -11.01 3.65
CA ARG B 163 33.44 -12.15 4.04
C ARG B 163 34.85 -11.66 4.50
N GLN B 164 35.21 -10.45 4.13
CA GLN B 164 36.53 -9.93 4.42
C GLN B 164 36.45 -8.82 5.46
N THR B 165 35.35 -8.79 6.21
CA THR B 165 35.12 -7.74 7.18
C THR B 165 35.26 -8.50 8.44
N PRO B 166 35.83 -7.87 9.50
CA PRO B 166 36.02 -8.50 10.82
C PRO B 166 34.73 -8.65 11.58
N ASP B 167 34.77 -9.40 12.68
CA ASP B 167 33.63 -9.55 13.58
C ASP B 167 33.37 -8.18 14.15
N ASN B 168 32.19 -7.97 14.73
CA ASN B 168 31.87 -6.80 15.56
C ASN B 168 32.29 -5.43 15.04
N THR B 169 32.10 -5.26 13.75
CA THR B 169 32.44 -4.02 13.08
C THR B 169 31.27 -3.00 13.05
N TYR B 170 30.07 -3.44 12.66
CA TYR B 170 28.97 -2.49 12.34
C TYR B 170 27.82 -2.54 13.35
N ASP B 171 27.23 -1.38 13.62
CA ASP B 171 25.98 -1.36 14.43
C ASP B 171 24.73 -1.66 13.58
N VAL B 172 24.74 -1.17 12.33
CA VAL B 172 23.62 -1.40 11.40
C VAL B 172 24.13 -1.80 10.03
N VAL B 173 23.50 -2.83 9.48
CA VAL B 173 23.72 -3.28 8.13
C VAL B 173 22.37 -3.20 7.38
N ILE B 174 22.36 -2.36 6.35
CA ILE B 174 21.24 -2.19 5.48
C ILE B 174 21.62 -2.79 4.15
N ILE B 175 20.75 -3.66 3.66
CA ILE B 175 20.98 -4.37 2.43
C ILE B 175 19.94 -3.93 1.38
N ASP B 176 20.35 -3.08 0.46
CA ASP B 176 19.48 -2.42 -0.49
C ASP B 176 19.88 -2.91 -1.88
N THR B 177 19.47 -4.13 -2.23
CA THR B 177 19.76 -4.66 -3.55
C THR B 177 18.48 -4.89 -4.38
N GLU B 190 23.65 -18.36 2.88
CA GLU B 190 24.03 -18.78 4.21
C GLU B 190 25.25 -17.98 4.66
N ALA B 191 26.42 -18.29 4.09
CA ALA B 191 27.65 -17.59 4.50
C ALA B 191 27.43 -16.06 4.48
N PHE B 192 26.58 -15.58 3.57
CA PHE B 192 26.22 -14.16 3.55
C PHE B 192 25.43 -13.79 4.78
N TYR B 193 24.27 -14.40 4.95
CA TYR B 193 23.52 -14.04 6.11
C TYR B 193 24.29 -14.32 7.39
N LYS B 194 25.12 -15.38 7.38
CA LYS B 194 25.95 -15.76 8.55
C LYS B 194 27.05 -14.69 8.77
N ASP B 195 27.70 -14.29 7.70
CA ASP B 195 28.63 -13.20 7.78
C ASP B 195 28.02 -11.91 8.34
N VAL B 196 26.81 -11.57 7.89
CA VAL B 196 26.21 -10.27 8.31
C VAL B 196 26.01 -10.28 9.82
N LEU B 197 25.46 -11.38 10.34
CA LEU B 197 25.30 -11.49 11.78
C LEU B 197 26.69 -11.35 12.45
N ARG B 198 27.68 -12.00 11.83
CA ARG B 198 29.04 -12.02 12.37
C ARG B 198 29.66 -10.62 12.45
N ILE B 199 29.38 -9.79 11.46
CA ILE B 199 29.97 -8.41 11.46
C ILE B 199 29.24 -7.36 12.29
N LEU B 200 28.04 -7.68 12.73
CA LEU B 200 27.27 -6.83 13.60
C LEU B 200 27.76 -6.97 15.05
N LYS B 201 27.66 -5.90 15.86
CA LYS B 201 28.00 -5.88 17.28
C LYS B 201 26.80 -6.43 18.02
N PRO B 202 26.91 -6.65 19.34
CA PRO B 202 25.82 -7.39 20.01
C PRO B 202 24.43 -6.80 19.92
N ASP B 203 24.34 -5.48 19.74
CA ASP B 203 23.04 -4.85 19.48
C ASP B 203 22.85 -4.54 18.01
N GLY B 204 23.56 -5.27 17.16
CA GLY B 204 23.34 -5.11 15.74
C GLY B 204 21.88 -5.18 15.27
N ILE B 205 21.54 -4.33 14.29
CA ILE B 205 20.25 -4.34 13.60
C ILE B 205 20.59 -4.54 12.11
N CYS B 206 20.01 -5.57 11.49
CA CYS B 206 20.02 -5.77 10.03
C CYS B 206 18.66 -5.43 9.32
N CYS B 207 18.69 -4.70 8.20
CA CYS B 207 17.55 -4.73 7.28
C CYS B 207 17.93 -4.83 5.82
N ASN B 208 16.99 -5.34 5.04
CA ASN B 208 17.18 -5.64 3.64
C ASN B 208 16.10 -4.99 2.73
N GLN B 209 16.14 -5.18 1.43
CA GLN B 209 14.94 -4.85 0.68
C GLN B 209 14.27 -6.19 0.63
N GLY B 210 13.13 -6.28 1.31
CA GLY B 210 12.33 -7.48 1.28
C GLY B 210 11.45 -7.46 0.05
N GLU B 211 10.77 -8.54 -0.15
CA GLU B 211 10.02 -8.51 -1.35
C GLU B 211 8.60 -8.00 -1.04
N SER B 212 7.70 -8.35 -1.93
CA SER B 212 6.28 -8.01 -1.85
C SER B 212 5.48 -9.11 -1.16
N ILE B 213 4.57 -8.75 -0.27
CA ILE B 213 3.68 -9.72 0.31
C ILE B 213 2.68 -10.25 -0.72
N TRP B 214 2.48 -9.53 -1.82
CA TRP B 214 1.53 -10.02 -2.80
C TRP B 214 2.27 -10.96 -3.76
N LEU B 215 3.53 -10.68 -4.08
CA LEU B 215 4.18 -11.55 -5.05
C LEU B 215 5.18 -12.55 -4.50
N ASP B 216 5.73 -12.29 -3.32
CA ASP B 216 6.81 -13.13 -2.82
C ASP B 216 6.59 -13.60 -1.39
N LEU B 217 5.33 -13.85 -1.01
CA LEU B 217 5.04 -14.22 0.38
C LEU B 217 5.77 -15.48 0.89
N GLU B 218 5.74 -16.58 0.12
CA GLU B 218 6.53 -17.81 0.36
C GLU B 218 8.00 -17.51 0.64
N LEU B 219 8.57 -16.69 -0.26
CA LEU B 219 9.94 -16.32 -0.19
C LEU B 219 10.21 -15.46 1.03
N ILE B 220 9.35 -14.48 1.34
CA ILE B 220 9.43 -13.76 2.64
C ILE B 220 9.38 -14.68 3.85
N GLU B 221 8.48 -15.66 3.82
CA GLU B 221 8.43 -16.64 4.92
C GLU B 221 9.74 -17.45 5.00
N LYS B 222 10.18 -18.03 3.89
CA LYS B 222 11.46 -18.71 3.83
C LYS B 222 12.59 -17.84 4.41
N MET B 223 12.68 -16.57 3.99
CA MET B 223 13.87 -15.76 4.39
C MET B 223 13.86 -15.49 5.87
N SER B 224 12.72 -15.03 6.34
CA SER B 224 12.48 -14.83 7.74
C SER B 224 12.94 -16.03 8.56
N ARG B 225 12.66 -17.24 8.07
CA ARG B 225 13.02 -18.31 8.95
C ARG B 225 14.50 -18.73 8.83
N PHE B 226 15.04 -18.65 7.64
CA PHE B 226 16.47 -18.86 7.41
C PHE B 226 17.25 -17.85 8.25
N ILE B 227 17.01 -16.56 8.03
CA ILE B 227 17.59 -15.46 8.84
C ILE B 227 17.57 -15.70 10.31
N ARG B 228 16.45 -16.21 10.85
CA ARG B 228 16.41 -16.57 12.28
C ARG B 228 17.28 -17.80 12.62
N GLU B 229 17.19 -18.85 11.83
CA GLU B 229 18.02 -20.00 12.11
C GLU B 229 19.53 -19.72 11.84
N THR B 230 19.85 -18.71 11.03
CA THR B 230 21.24 -18.37 10.85
C THR B 230 21.80 -17.91 12.20
N GLY B 231 20.93 -17.42 13.08
CA GLY B 231 21.36 -16.96 14.41
C GLY B 231 20.91 -15.58 14.90
N PHE B 232 20.10 -14.86 14.11
CA PHE B 232 19.49 -13.59 14.55
C PHE B 232 18.41 -13.88 15.56
N ALA B 233 18.33 -13.07 16.61
CA ALA B 233 17.33 -13.28 17.65
C ALA B 233 15.90 -13.07 17.14
N SER B 234 15.70 -12.01 16.35
CA SER B 234 14.37 -11.70 15.87
C SER B 234 14.41 -11.17 14.43
N VAL B 235 13.25 -11.28 13.78
CA VAL B 235 13.04 -10.84 12.40
C VAL B 235 11.60 -10.43 12.33
N GLN B 236 11.39 -9.21 11.86
CA GLN B 236 10.07 -8.64 11.75
C GLN B 236 9.94 -7.93 10.40
N TYR B 237 8.78 -8.09 9.75
CA TYR B 237 8.59 -7.51 8.39
C TYR B 237 7.77 -6.23 8.45
N ALA B 238 8.32 -5.19 7.83
CA ALA B 238 7.66 -3.87 7.76
C ALA B 238 7.30 -3.55 6.33
N LEU B 239 5.99 -3.31 6.14
CA LEU B 239 5.35 -3.05 4.85
C LEU B 239 5.31 -1.56 4.50
N MET B 240 5.63 -1.17 3.27
CA MET B 240 5.49 0.26 2.98
C MET B 240 4.80 0.47 1.64
N HIS B 241 4.29 1.68 1.43
CA HIS B 241 3.55 1.99 0.18
C HIS B 241 4.46 2.70 -0.81
N VAL B 242 4.81 2.03 -1.90
CA VAL B 242 5.62 2.58 -2.98
C VAL B 242 4.84 2.43 -4.33
N PRO B 243 4.32 3.54 -4.87
CA PRO B 243 3.36 3.44 -6.03
C PRO B 243 4.02 2.84 -7.25
N THR B 244 5.32 3.11 -7.44
CA THR B 244 5.95 2.72 -8.69
C THR B 244 6.46 1.28 -8.68
N TYR B 245 6.36 0.57 -7.54
CA TYR B 245 6.80 -0.84 -7.54
C TYR B 245 5.64 -1.76 -7.77
N PRO B 246 5.89 -2.98 -8.27
CA PRO B 246 4.82 -3.88 -8.66
C PRO B 246 3.88 -4.13 -7.45
N CYS B 247 2.58 -4.03 -7.68
CA CYS B 247 1.51 -4.13 -6.65
C CYS B 247 1.46 -3.00 -5.64
N GLY B 248 2.29 -1.98 -5.78
CA GLY B 248 2.14 -0.76 -4.96
C GLY B 248 2.81 -0.80 -3.60
N SER B 249 3.60 -1.82 -3.31
CA SER B 249 4.19 -1.91 -2.01
C SER B 249 5.46 -2.74 -2.02
N ILE B 250 6.22 -2.61 -0.96
CA ILE B 250 7.35 -3.49 -0.75
C ILE B 250 7.61 -3.50 0.72
N GLY B 251 8.46 -4.39 1.18
CA GLY B 251 8.79 -4.38 2.57
C GLY B 251 10.25 -4.55 2.83
N THR B 252 10.57 -4.51 4.12
CA THR B 252 11.92 -4.81 4.58
C THR B 252 11.90 -5.72 5.78
N LEU B 253 12.78 -6.73 5.79
CA LEU B 253 12.95 -7.53 7.00
C LEU B 253 13.85 -6.83 7.96
N VAL B 254 13.35 -6.56 9.15
CA VAL B 254 14.14 -5.87 10.19
C VAL B 254 14.54 -6.82 11.36
N CYS B 255 15.85 -7.02 11.50
CA CYS B 255 16.43 -8.15 12.24
C CYS B 255 17.36 -7.68 13.34
N SER B 256 17.19 -8.26 14.52
CA SER B 256 17.95 -7.90 15.70
C SER B 256 18.89 -9.05 16.09
N LYS B 257 20.19 -8.78 16.19
CA LYS B 257 21.16 -9.76 16.69
C LYS B 257 20.90 -10.03 18.18
N LYS B 258 20.54 -8.98 18.91
CA LYS B 258 20.31 -9.07 20.34
C LYS B 258 18.92 -9.64 20.59
N ALA B 259 18.79 -10.58 21.53
CA ALA B 259 17.45 -11.03 22.02
C ALA B 259 16.71 -9.96 22.84
N GLY B 260 15.39 -10.10 22.90
CA GLY B 260 14.53 -9.23 23.69
C GLY B 260 14.31 -7.82 23.15
N VAL B 261 14.66 -7.60 21.88
CA VAL B 261 14.49 -6.28 21.22
C VAL B 261 13.22 -6.24 20.38
N ASP B 262 12.35 -5.26 20.60
CA ASP B 262 11.12 -5.20 19.82
C ASP B 262 11.30 -4.14 18.75
N VAL B 263 11.63 -4.58 17.53
CA VAL B 263 11.89 -3.60 16.47
C VAL B 263 10.61 -2.79 16.02
N THR B 264 9.44 -3.25 16.40
CA THR B 264 8.20 -2.78 15.81
C THR B 264 7.74 -1.48 16.48
N LYS B 265 8.30 -1.16 17.65
CA LYS B 265 8.04 0.11 18.33
C LYS B 265 9.40 0.78 18.35
N PRO B 266 9.52 2.02 17.80
CA PRO B 266 10.86 2.65 17.66
C PRO B 266 11.58 2.72 19.00
N LEU B 267 12.88 2.40 19.02
CA LEU B 267 13.63 2.40 20.27
C LEU B 267 14.01 3.83 20.69
N ARG B 268 14.41 4.62 19.70
CA ARG B 268 14.70 6.01 19.82
C ARG B 268 13.83 6.83 18.83
N PRO B 269 12.63 7.28 19.24
CA PRO B 269 11.84 8.02 18.23
C PRO B 269 12.57 9.12 17.42
N VAL B 270 12.31 9.18 16.11
CA VAL B 270 12.77 10.23 15.19
C VAL B 270 12.28 11.65 15.58
N GLU B 271 11.11 11.74 16.19
CA GLU B 271 10.54 13.03 16.69
C GLU B 271 11.45 13.80 17.70
N ASP B 272 12.48 13.16 18.24
CA ASP B 272 13.44 13.81 19.18
C ASP B 272 14.73 14.27 18.48
N MET B 273 14.95 13.76 17.28
CA MET B 273 16.08 14.11 16.51
C MET B 273 15.70 15.34 15.71
N PRO B 274 16.69 16.16 15.34
CA PRO B 274 16.35 17.44 14.68
C PRO B 274 15.85 17.39 13.24
N PHE B 275 16.01 16.25 12.55
CA PHE B 275 15.63 16.18 11.10
C PHE B 275 14.20 15.68 10.83
N ALA B 276 13.43 15.45 11.88
CA ALA B 276 12.15 14.73 11.81
C ALA B 276 11.21 15.35 10.81
N LYS B 277 11.16 16.69 10.83
CA LYS B 277 10.16 17.36 10.04
C LYS B 277 10.54 17.54 8.59
N ASP B 278 11.79 17.22 8.22
CA ASP B 278 12.22 17.12 6.81
C ASP B 278 11.79 15.83 6.08
N LEU B 279 11.31 14.80 6.82
CA LEU B 279 10.85 13.53 6.25
C LEU B 279 9.44 13.61 5.55
N LYS B 280 9.30 12.96 4.40
CA LYS B 280 8.10 12.99 3.65
C LYS B 280 7.25 11.73 3.84
N TYR B 281 7.78 10.66 4.47
CA TYR B 281 6.99 9.46 4.70
C TYR B 281 7.11 9.02 6.13
N TYR B 282 8.35 8.71 6.57
CA TYR B 282 8.66 8.08 7.86
C TYR B 282 8.35 9.01 9.06
N ASP B 283 7.60 8.47 10.03
CA ASP B 283 7.59 8.96 11.41
C ASP B 283 7.32 7.79 12.37
N SER B 284 7.18 8.04 13.68
CA SER B 284 6.90 6.98 14.64
C SER B 284 5.58 6.25 14.46
N GLU B 285 4.51 6.93 14.09
CA GLU B 285 3.25 6.23 13.84
C GLU B 285 3.29 5.26 12.61
N MET B 286 4.00 5.67 11.57
CA MET B 286 4.18 4.85 10.37
C MET B 286 5.18 3.73 10.63
N HIS B 287 6.23 3.97 11.44
CA HIS B 287 7.05 2.87 11.99
C HIS B 287 6.16 1.72 12.54
N LYS B 288 5.39 2.04 13.58
CA LYS B 288 4.59 1.02 14.29
C LYS B 288 3.65 0.41 13.29
N ALA B 289 2.96 1.28 12.54
CA ALA B 289 1.91 0.78 11.62
C ALA B 289 2.48 -0.20 10.54
N SER B 290 3.75 -0.03 10.15
CA SER B 290 4.33 -0.77 9.07
C SER B 290 4.39 -2.24 9.37
N PHE B 291 4.29 -2.59 10.64
CA PHE B 291 4.46 -3.99 11.07
C PHE B 291 3.12 -4.67 11.25
N ALA B 292 2.03 -3.90 11.11
CA ALA B 292 0.66 -4.50 11.05
C ALA B 292 0.49 -5.04 9.63
N LEU B 293 0.27 -6.34 9.52
CA LEU B 293 0.18 -6.96 8.18
C LEU B 293 -1.27 -7.40 7.87
N PRO B 294 -1.67 -7.38 6.57
CA PRO B 294 -2.98 -8.02 6.24
C PRO B 294 -3.05 -9.40 6.89
N ARG B 295 -4.24 -9.84 7.35
CA ARG B 295 -4.34 -11.18 7.98
C ARG B 295 -3.74 -12.26 7.14
N PHE B 296 -3.87 -12.21 5.82
CA PHE B 296 -3.30 -13.33 5.04
C PHE B 296 -1.75 -13.44 5.24
N ALA B 297 -1.11 -12.33 5.59
CA ALA B 297 0.35 -12.24 5.61
C ALA B 297 0.89 -12.21 7.06
N ARG B 298 -0.02 -12.05 8.03
CA ARG B 298 0.41 -11.73 9.37
C ARG B 298 1.27 -12.83 10.02
N HIS B 299 1.21 -14.04 9.47
CA HIS B 299 1.97 -15.17 10.04
C HIS B 299 3.50 -14.97 9.85
N ILE B 300 3.84 -14.02 8.98
CA ILE B 300 5.24 -13.67 8.80
C ILE B 300 5.75 -13.09 10.12
N ASN B 301 4.94 -12.31 10.83
CA ASN B 301 5.38 -11.63 12.06
C ASN B 301 4.98 -12.34 13.36
N ASN B 302 4.30 -13.48 13.23
CA ASN B 302 3.72 -14.25 14.35
C ASN B 302 2.47 -13.56 14.85
#